data_8OZ9
#
_entry.id   8OZ9
#
_cell.length_a   41.113
_cell.length_b   59.773
_cell.length_c   66.609
_cell.angle_alpha   90.000
_cell.angle_beta   97.154
_cell.angle_gamma   90.000
#
_symmetry.space_group_name_H-M   'P 1 21 1'
#
loop_
_entity.id
_entity.type
_entity.pdbx_description
1 polymer 'Chemotaxis protein CheA'
2 non-polymer 7-(1~{H}-1,2,3-triazol-5-yl)quinazolin-2-amine
3 water water
#
_entity_poly.entity_id   1
_entity_poly.type   'polypeptide(L)'
_entity_poly.pdbx_seq_one_letter_code
;GSHMVPISFVFNRFPRMVRDLAKKMNKEVNFIMRGEDTELDRTFVEEIGEPLLHLLRNAIDHGIEPKEERIAKGKPPIGT
LILSARHEGNNVVIEVEDDGRGIDKEKIIRKAIEKGLIDESKAATLSDQEILNFLFVPGFSTKEKVSEVSGRGVGMDVVK
NVVESLNGSISIESEKDKGTKVTIRLPLT
;
_entity_poly.pdbx_strand_id   B,A
#
# COMPACT_ATOMS: atom_id res chain seq x y z
N VAL A 5 -24.23 18.26 0.20
CA VAL A 5 -25.41 17.75 -0.55
C VAL A 5 -25.18 16.31 -0.96
N PRO A 6 -26.22 15.66 -1.53
CA PRO A 6 -26.05 14.32 -2.07
C PRO A 6 -25.14 14.33 -3.29
N ILE A 7 -24.31 13.29 -3.40
CA ILE A 7 -23.36 13.23 -4.50
C ILE A 7 -24.07 12.93 -5.82
N SER A 8 -25.36 12.57 -5.78
CA SER A 8 -26.17 12.46 -6.98
C SER A 8 -26.09 13.72 -7.84
N PHE A 9 -25.91 14.90 -7.23
CA PHE A 9 -25.80 16.12 -8.00
C PHE A 9 -24.64 16.04 -9.01
N VAL A 10 -23.58 15.32 -8.63
CA VAL A 10 -22.46 15.02 -9.52
C VAL A 10 -22.75 13.76 -10.34
N PHE A 11 -23.15 12.68 -9.67
CA PHE A 11 -23.27 11.41 -10.37
C PHE A 11 -24.30 11.45 -11.48
N ASN A 12 -25.37 12.28 -11.36
CA ASN A 12 -26.43 12.27 -12.36
C ASN A 12 -25.93 12.80 -13.70
N ARG A 13 -24.80 13.45 -13.76
CA ARG A 13 -24.23 13.92 -15.03
CA ARG A 13 -24.24 13.92 -15.03
C ARG A 13 -23.63 12.77 -15.82
N PHE A 14 -23.29 11.66 -15.14
CA PHE A 14 -22.42 10.69 -15.77
C PHE A 14 -23.07 9.71 -16.72
N PRO A 15 -24.30 9.22 -16.52
CA PRO A 15 -24.84 8.27 -17.51
C PRO A 15 -24.80 8.83 -18.93
N ARG A 16 -25.12 10.12 -19.12
CA ARG A 16 -25.08 10.68 -20.45
C ARG A 16 -23.66 10.72 -21.01
N MET A 17 -22.71 11.13 -20.17
CA MET A 17 -21.32 11.16 -20.60
C MET A 17 -20.81 9.78 -20.98
N VAL A 18 -21.07 8.79 -20.11
CA VAL A 18 -20.59 7.42 -20.33
C VAL A 18 -21.20 6.89 -21.62
N ARG A 19 -22.52 7.11 -21.80
CA ARG A 19 -23.20 6.59 -22.97
C ARG A 19 -22.65 7.25 -24.24
N ASP A 20 -22.38 8.56 -24.21
CA ASP A 20 -21.86 9.26 -25.37
C ASP A 20 -20.46 8.75 -25.71
N LEU A 21 -19.63 8.51 -24.68
CA LEU A 21 -18.26 8.13 -24.99
C LEU A 21 -18.21 6.69 -25.47
N ALA A 22 -19.02 5.82 -24.86
CA ALA A 22 -19.10 4.44 -25.31
C ALA A 22 -19.53 4.38 -26.77
N LYS A 23 -20.55 5.15 -27.16
CA LYS A 23 -21.04 5.23 -28.53
C LYS A 23 -19.91 5.68 -29.46
N LYS A 24 -19.23 6.77 -29.09
CA LYS A 24 -18.17 7.35 -29.92
C LYS A 24 -17.08 6.32 -30.20
N MET A 25 -16.85 5.44 -29.23
CA MET A 25 -15.80 4.45 -29.33
C MET A 25 -16.35 3.07 -29.70
N ASN A 26 -17.63 3.00 -30.06
CA ASN A 26 -18.31 1.79 -30.49
C ASN A 26 -18.07 0.66 -29.50
N LYS A 27 -18.15 0.96 -28.19
CA LYS A 27 -18.09 -0.04 -27.16
C LYS A 27 -19.39 -0.12 -26.39
N GLU A 28 -19.61 -1.29 -25.77
CA GLU A 28 -20.77 -1.50 -24.94
C GLU A 28 -20.32 -1.45 -23.50
N VAL A 29 -20.97 -0.56 -22.73
CA VAL A 29 -20.66 -0.41 -21.32
C VAL A 29 -21.93 -0.55 -20.47
N ASN A 30 -21.87 -1.44 -19.48
CA ASN A 30 -22.86 -1.55 -18.43
C ASN A 30 -22.40 -0.65 -17.27
N PHE A 31 -23.01 0.50 -17.12
CA PHE A 31 -22.63 1.51 -16.16
C PHE A 31 -23.56 1.46 -14.95
N ILE A 32 -22.97 1.22 -13.79
CA ILE A 32 -23.72 1.11 -12.54
C ILE A 32 -23.22 2.17 -11.58
N MET A 33 -24.15 2.89 -10.95
CA MET A 33 -23.84 3.86 -9.90
C MET A 33 -24.46 3.41 -8.60
N ARG A 34 -23.66 3.44 -7.53
CA ARG A 34 -24.13 3.07 -6.20
C ARG A 34 -23.80 4.13 -5.18
N GLY A 35 -24.65 4.23 -4.16
CA GLY A 35 -24.33 5.17 -3.09
C GLY A 35 -24.58 6.61 -3.47
N GLU A 36 -25.48 6.84 -4.45
CA GLU A 36 -25.66 8.17 -5.00
C GLU A 36 -26.30 9.11 -3.96
N ASP A 37 -26.87 8.57 -2.88
CA ASP A 37 -27.48 9.41 -1.86
C ASP A 37 -26.46 9.86 -0.82
N THR A 38 -25.20 9.38 -0.90
CA THR A 38 -24.15 9.75 0.01
C THR A 38 -23.98 11.29 0.02
N GLU A 39 -24.07 11.89 1.20
CA GLU A 39 -23.96 13.33 1.31
C GLU A 39 -22.52 13.72 1.62
N LEU A 40 -22.09 14.85 1.06
CA LEU A 40 -20.80 15.41 1.45
C LEU A 40 -20.85 16.93 1.21
N ASP A 41 -19.87 17.60 1.76
CA ASP A 41 -19.86 19.04 1.80
C ASP A 41 -19.88 19.60 0.39
N ARG A 42 -20.52 20.74 0.22
CA ARG A 42 -20.65 21.45 -1.04
C ARG A 42 -19.30 21.65 -1.72
N THR A 43 -18.24 21.97 -0.96
CA THR A 43 -16.97 22.22 -1.64
C THR A 43 -16.50 20.98 -2.40
N PHE A 44 -16.72 19.81 -1.81
CA PHE A 44 -16.34 18.58 -2.49
C PHE A 44 -17.22 18.37 -3.70
N VAL A 45 -18.53 18.53 -3.53
CA VAL A 45 -19.47 18.33 -4.63
C VAL A 45 -19.11 19.22 -5.82
N GLU A 46 -18.70 20.45 -5.56
CA GLU A 46 -18.38 21.40 -6.62
C GLU A 46 -17.11 21.03 -7.41
N GLU A 47 -16.19 20.27 -6.81
CA GLU A 47 -14.87 20.04 -7.37
C GLU A 47 -14.61 18.61 -7.83
N ILE A 48 -15.39 17.63 -7.35
CA ILE A 48 -15.00 16.23 -7.52
C ILE A 48 -15.45 15.71 -8.90
N GLY A 49 -16.33 16.42 -9.61
CA GLY A 49 -16.85 15.94 -10.89
C GLY A 49 -15.73 15.79 -11.92
N GLU A 50 -14.81 16.74 -11.99
CA GLU A 50 -13.78 16.73 -13.03
C GLU A 50 -12.88 15.52 -12.88
N PRO A 51 -12.31 15.24 -11.68
CA PRO A 51 -11.48 14.06 -11.55
C PRO A 51 -12.26 12.78 -11.84
N LEU A 52 -13.49 12.68 -11.37
CA LEU A 52 -14.27 11.47 -11.62
C LEU A 52 -14.53 11.28 -13.12
N LEU A 53 -14.83 12.35 -13.82
CA LEU A 53 -15.02 12.24 -15.25
C LEU A 53 -13.78 11.69 -15.96
N HIS A 54 -12.62 12.20 -15.56
CA HIS A 54 -11.38 11.70 -16.11
C HIS A 54 -11.22 10.20 -15.87
N LEU A 55 -11.50 9.75 -14.66
CA LEU A 55 -11.37 8.32 -14.35
C LEU A 55 -12.36 7.47 -15.14
N LEU A 56 -13.59 7.94 -15.29
CA LEU A 56 -14.56 7.21 -16.09
C LEU A 56 -14.10 7.14 -17.55
N ARG A 57 -13.63 8.27 -18.11
CA ARG A 57 -13.12 8.26 -19.46
CA ARG A 57 -13.12 8.26 -19.46
C ARG A 57 -11.97 7.26 -19.60
N ASN A 58 -11.03 7.24 -18.65
CA ASN A 58 -9.95 6.27 -18.72
C ASN A 58 -10.48 4.85 -18.76
N ALA A 59 -11.50 4.54 -17.95
CA ALA A 59 -12.03 3.19 -17.92
C ALA A 59 -12.65 2.80 -19.25
N ILE A 60 -13.36 3.72 -19.89
CA ILE A 60 -14.06 3.42 -21.13
C ILE A 60 -13.04 3.31 -22.28
N ASP A 61 -12.08 4.23 -22.33
CA ASP A 61 -11.13 4.31 -23.42
C ASP A 61 -10.05 3.25 -23.29
N HIS A 62 -9.37 3.26 -22.16
CA HIS A 62 -8.18 2.46 -21.96
C HIS A 62 -8.42 1.14 -21.25
N GLY A 63 -9.55 1.01 -20.56
CA GLY A 63 -9.81 -0.18 -19.76
C GLY A 63 -10.66 -1.19 -20.50
N ILE A 64 -11.97 -0.92 -20.58
CA ILE A 64 -12.89 -1.85 -21.17
C ILE A 64 -12.49 -2.09 -22.63
N GLU A 65 -12.42 -3.37 -22.98
CA GLU A 65 -12.01 -3.79 -24.31
C GLU A 65 -13.22 -3.83 -25.21
N PRO A 66 -13.00 -3.74 -26.54
CA PRO A 66 -14.08 -4.01 -27.48
C PRO A 66 -14.69 -5.38 -27.23
N LYS A 67 -15.99 -5.51 -27.52
CA LYS A 67 -16.70 -6.75 -27.33
C LYS A 67 -15.98 -7.94 -27.95
N GLU A 68 -15.52 -7.76 -29.20
CA GLU A 68 -14.85 -8.83 -29.93
C GLU A 68 -13.61 -9.28 -29.17
N GLU A 69 -12.88 -8.34 -28.56
CA GLU A 69 -11.67 -8.66 -27.83
C GLU A 69 -12.01 -9.40 -26.55
N ARG A 70 -13.04 -8.92 -25.84
CA ARG A 70 -13.50 -9.59 -24.63
C ARG A 70 -13.91 -11.02 -24.92
N ILE A 71 -14.68 -11.23 -25.98
CA ILE A 71 -15.09 -12.58 -26.36
C ILE A 71 -13.84 -13.40 -26.67
N ALA A 72 -12.88 -12.82 -27.43
CA ALA A 72 -11.68 -13.58 -27.78
C ALA A 72 -10.90 -14.01 -26.54
N LYS A 73 -10.97 -13.19 -25.47
CA LYS A 73 -10.26 -13.42 -24.22
C LYS A 73 -11.11 -14.24 -23.25
N GLY A 74 -12.32 -14.67 -23.65
CA GLY A 74 -13.14 -15.50 -22.80
C GLY A 74 -13.75 -14.76 -21.61
N LYS A 75 -13.97 -13.44 -21.79
CA LYS A 75 -14.59 -12.57 -20.82
C LYS A 75 -16.06 -12.35 -21.19
N PRO A 76 -16.89 -11.99 -20.19
CA PRO A 76 -18.28 -11.58 -20.47
C PRO A 76 -18.34 -10.47 -21.52
N PRO A 77 -19.26 -10.48 -22.52
CA PRO A 77 -19.07 -9.60 -23.68
C PRO A 77 -19.12 -8.10 -23.43
N ILE A 78 -20.02 -7.65 -22.56
CA ILE A 78 -20.19 -6.24 -22.25
C ILE A 78 -19.35 -5.92 -21.02
N GLY A 79 -18.51 -4.89 -21.07
CA GLY A 79 -17.72 -4.47 -19.93
C GLY A 79 -18.57 -3.72 -18.91
N THR A 80 -18.19 -3.80 -17.66
CA THR A 80 -18.93 -3.16 -16.57
C THR A 80 -18.05 -2.09 -15.91
N LEU A 81 -18.70 -0.94 -15.66
CA LEU A 81 -18.08 0.20 -15.02
C LEU A 81 -18.93 0.57 -13.84
N ILE A 82 -18.37 0.54 -12.63
CA ILE A 82 -19.13 0.81 -11.40
C ILE A 82 -18.54 2.01 -10.70
N LEU A 83 -19.38 3.00 -10.46
CA LEU A 83 -19.03 4.18 -9.72
C LEU A 83 -19.78 4.12 -8.39
N SER A 84 -19.08 4.24 -7.27
CA SER A 84 -19.72 4.06 -5.96
C SER A 84 -19.23 5.10 -4.98
N ALA A 85 -20.10 5.47 -4.06
CA ALA A 85 -19.75 6.29 -2.92
C ALA A 85 -20.27 5.65 -1.66
N ARG A 86 -19.54 5.84 -0.57
CA ARG A 86 -19.98 5.34 0.72
C ARG A 86 -19.27 6.15 1.80
N HIS A 87 -19.82 6.08 3.01
CA HIS A 87 -19.16 6.57 4.20
C HIS A 87 -18.29 5.46 4.78
N GLU A 88 -17.07 5.81 5.21
CA GLU A 88 -16.24 4.91 5.99
C GLU A 88 -15.68 5.78 7.12
N GLY A 89 -16.29 5.62 8.31
CA GLY A 89 -15.99 6.47 9.44
C GLY A 89 -16.17 7.94 9.10
N ASN A 90 -15.08 8.69 9.20
CA ASN A 90 -15.09 10.12 8.99
C ASN A 90 -14.80 10.45 7.53
N ASN A 91 -14.45 9.42 6.72
CA ASN A 91 -14.08 9.65 5.32
C ASN A 91 -15.30 9.32 4.41
N VAL A 92 -15.40 9.96 3.25
CA VAL A 92 -16.22 9.46 2.15
C VAL A 92 -15.28 8.79 1.16
N VAL A 93 -15.68 7.62 0.69
CA VAL A 93 -14.87 6.80 -0.20
C VAL A 93 -15.62 6.71 -1.53
N ILE A 94 -14.95 7.10 -2.60
CA ILE A 94 -15.51 7.02 -3.93
C ILE A 94 -14.67 6.07 -4.75
N GLU A 95 -15.26 5.09 -5.44
CA GLU A 95 -14.51 4.12 -6.20
C GLU A 95 -15.01 4.11 -7.64
N VAL A 96 -14.08 4.01 -8.59
CA VAL A 96 -14.34 3.82 -10.00
C VAL A 96 -13.70 2.49 -10.39
N GLU A 97 -14.54 1.51 -10.72
CA GLU A 97 -14.05 0.16 -11.01
C GLU A 97 -14.51 -0.30 -12.37
N ASP A 98 -13.60 -0.88 -13.14
CA ASP A 98 -13.93 -1.48 -14.43
C ASP A 98 -13.39 -2.90 -14.44
N ASP A 99 -13.98 -3.75 -15.29
CA ASP A 99 -13.49 -5.11 -15.49
C ASP A 99 -12.83 -5.24 -16.87
N GLY A 100 -12.05 -4.23 -17.23
CA GLY A 100 -11.33 -4.21 -18.50
C GLY A 100 -9.96 -4.82 -18.42
N ARG A 101 -9.06 -4.30 -19.26
CA ARG A 101 -7.78 -4.94 -19.52
C ARG A 101 -6.74 -4.72 -18.43
N GLY A 102 -6.98 -3.75 -17.55
CA GLY A 102 -6.04 -3.38 -16.51
C GLY A 102 -4.91 -2.51 -17.03
N ILE A 103 -4.14 -1.98 -16.10
CA ILE A 103 -2.97 -1.19 -16.39
C ILE A 103 -1.81 -2.16 -16.51
N ASP A 104 -0.99 -1.90 -17.52
CA ASP A 104 0.17 -2.72 -17.83
C ASP A 104 1.34 -2.25 -16.97
N LYS A 105 1.59 -2.96 -15.87
CA LYS A 105 2.67 -2.58 -14.96
C LYS A 105 4.06 -2.71 -15.54
N GLU A 106 4.27 -3.71 -16.40
CA GLU A 106 5.55 -3.83 -17.07
C GLU A 106 5.80 -2.64 -17.98
N LYS A 107 4.77 -2.17 -18.66
CA LYS A 107 4.88 -1.01 -19.51
C LYS A 107 5.28 0.20 -18.69
N ILE A 108 4.64 0.36 -17.51
CA ILE A 108 5.01 1.45 -16.62
C ILE A 108 6.49 1.37 -16.24
N ILE A 109 6.96 0.21 -15.82
CA ILE A 109 8.35 0.07 -15.41
C ILE A 109 9.28 0.41 -16.55
N ARG A 110 8.99 -0.13 -17.74
CA ARG A 110 9.83 0.18 -18.89
C ARG A 110 9.90 1.69 -19.16
N LYS A 111 8.78 2.36 -19.09
CA LYS A 111 8.74 3.81 -19.29
C LYS A 111 9.50 4.54 -18.19
N ALA A 112 9.35 4.09 -16.94
CA ALA A 112 10.05 4.73 -15.82
C ALA A 112 11.56 4.61 -15.99
N ILE A 113 12.02 3.44 -16.47
CA ILE A 113 13.44 3.28 -16.74
C ILE A 113 13.88 4.21 -17.87
N GLU A 114 13.11 4.21 -18.98
CA GLU A 114 13.44 5.09 -20.09
C GLU A 114 13.59 6.55 -19.67
N LYS A 115 12.70 6.99 -18.78
CA LYS A 115 12.66 8.38 -18.34
C LYS A 115 13.67 8.66 -17.24
N GLY A 116 14.40 7.62 -16.77
CA GLY A 116 15.41 7.80 -15.74
C GLY A 116 14.84 7.91 -14.33
N LEU A 117 13.58 7.53 -14.15
CA LEU A 117 12.93 7.66 -12.85
C LEU A 117 13.33 6.54 -11.91
N ILE A 118 13.73 5.39 -12.45
CA ILE A 118 14.24 4.30 -11.64
C ILE A 118 15.34 3.60 -12.40
N ASP A 119 16.26 3.07 -11.59
CA ASP A 119 17.30 2.19 -12.06
C ASP A 119 16.68 0.82 -12.27
N GLU A 120 17.11 0.12 -13.31
CA GLU A 120 16.62 -1.23 -13.56
C GLU A 120 16.84 -2.12 -12.33
N SER A 121 17.95 -1.90 -11.60
CA SER A 121 18.30 -2.78 -10.48
C SER A 121 17.24 -2.76 -9.38
N LYS A 122 16.44 -1.69 -9.32
CA LYS A 122 15.43 -1.52 -8.28
C LYS A 122 14.04 -1.92 -8.73
N ALA A 123 13.87 -2.32 -9.99
CA ALA A 123 12.54 -2.63 -10.51
C ALA A 123 11.96 -3.89 -9.90
N ALA A 124 12.79 -4.92 -9.65
CA ALA A 124 12.30 -6.23 -9.25
C ALA A 124 11.55 -6.22 -7.95
N THR A 125 11.92 -5.33 -7.03
CA THR A 125 11.30 -5.34 -5.71
C THR A 125 10.35 -4.16 -5.51
N LEU A 126 10.03 -3.40 -6.57
CA LEU A 126 9.04 -2.33 -6.44
C LEU A 126 7.69 -2.91 -6.04
N SER A 127 7.03 -2.24 -5.07
CA SER A 127 5.67 -2.63 -4.71
C SER A 127 4.70 -2.30 -5.85
N ASP A 128 3.52 -2.90 -5.78
CA ASP A 128 2.47 -2.65 -6.76
C ASP A 128 2.02 -1.19 -6.71
N GLN A 129 1.87 -0.65 -5.50
CA GLN A 129 1.50 0.75 -5.31
C GLN A 129 2.58 1.67 -5.86
N GLU A 130 3.87 1.34 -5.64
CA GLU A 130 4.94 2.19 -6.12
C GLU A 130 4.92 2.24 -7.66
N ILE A 131 4.62 1.10 -8.30
CA ILE A 131 4.56 1.05 -9.75
C ILE A 131 3.41 1.94 -10.25
N LEU A 132 2.20 1.68 -9.71
CA LEU A 132 1.02 2.37 -10.22
C LEU A 132 1.09 3.87 -9.91
N ASN A 133 1.79 4.24 -8.83
CA ASN A 133 1.86 5.66 -8.49
C ASN A 133 2.73 6.45 -9.48
N PHE A 134 3.51 5.77 -10.33
CA PHE A 134 4.18 6.51 -11.39
C PHE A 134 3.17 7.22 -12.29
N LEU A 135 1.95 6.71 -12.42
CA LEU A 135 0.99 7.36 -13.30
C LEU A 135 0.63 8.77 -12.84
N PHE A 136 0.87 9.08 -11.57
CA PHE A 136 0.61 10.40 -11.04
C PHE A 136 1.79 11.36 -11.21
N VAL A 137 2.93 10.87 -11.72
CA VAL A 137 4.05 11.75 -11.98
C VAL A 137 3.68 12.66 -13.13
N PRO A 138 3.86 14.00 -13.04
CA PRO A 138 3.52 14.88 -14.14
C PRO A 138 4.25 14.51 -15.41
N GLY A 139 3.52 14.40 -16.50
CA GLY A 139 4.12 14.09 -17.78
C GLY A 139 4.33 12.60 -18.00
N PHE A 140 4.00 11.72 -17.03
CA PHE A 140 4.38 10.33 -17.17
C PHE A 140 3.57 9.67 -18.28
N SER A 141 4.27 9.10 -19.27
CA SER A 141 3.63 8.63 -20.50
C SER A 141 2.72 9.71 -21.12
N VAL A 154 -3.64 17.16 -18.55
CA VAL A 154 -4.64 16.17 -19.06
C VAL A 154 -4.31 14.76 -18.55
N GLY A 155 -3.19 14.58 -17.82
CA GLY A 155 -2.84 13.30 -17.23
C GLY A 155 -3.39 13.13 -15.80
N MET A 156 -3.02 11.97 -15.22
CA MET A 156 -3.53 11.53 -13.93
C MET A 156 -2.97 12.41 -12.82
N ASP A 157 -1.87 13.13 -13.08
CA ASP A 157 -1.37 14.10 -12.13
C ASP A 157 -2.46 15.09 -11.77
N VAL A 158 -3.28 15.52 -12.75
CA VAL A 158 -4.32 16.51 -12.52
C VAL A 158 -5.45 15.95 -11.65
N VAL A 159 -5.74 14.69 -11.81
CA VAL A 159 -6.69 14.00 -10.93
C VAL A 159 -6.20 14.09 -9.50
N LYS A 160 -4.95 13.67 -9.27
CA LYS A 160 -4.41 13.71 -7.92
C LYS A 160 -4.33 15.14 -7.39
N ASN A 161 -4.04 16.12 -8.24
CA ASN A 161 -3.95 17.50 -7.78
C ASN A 161 -5.28 17.99 -7.22
N VAL A 162 -6.37 17.68 -7.90
CA VAL A 162 -7.65 18.10 -7.39
C VAL A 162 -7.97 17.37 -6.10
N VAL A 163 -7.77 16.04 -6.08
CA VAL A 163 -8.04 15.31 -4.86
C VAL A 163 -7.25 15.87 -3.68
N GLU A 164 -5.99 16.19 -3.90
CA GLU A 164 -5.17 16.75 -2.83
C GLU A 164 -5.59 18.16 -2.43
N SER A 165 -6.14 18.94 -3.35
CA SER A 165 -6.66 20.27 -3.01
C SER A 165 -7.86 20.14 -2.07
N LEU A 166 -8.52 18.95 -2.05
CA LEU A 166 -9.63 18.64 -1.17
C LEU A 166 -9.15 17.88 0.07
N ASN A 167 -7.84 17.85 0.29
CA ASN A 167 -7.26 17.13 1.40
C ASN A 167 -7.58 15.63 1.36
N GLY A 168 -7.75 15.11 0.16
CA GLY A 168 -8.05 13.72 -0.08
C GLY A 168 -6.83 12.90 -0.46
N SER A 169 -7.07 11.61 -0.65
CA SER A 169 -6.04 10.71 -1.14
C SER A 169 -6.62 9.88 -2.29
N ILE A 170 -5.74 9.31 -3.09
CA ILE A 170 -6.13 8.49 -4.21
C ILE A 170 -5.18 7.32 -4.32
N SER A 171 -5.73 6.18 -4.68
CA SER A 171 -4.93 4.98 -4.91
C SER A 171 -5.53 4.19 -6.06
N ILE A 172 -4.68 3.38 -6.67
CA ILE A 172 -5.08 2.56 -7.81
C ILE A 172 -4.76 1.10 -7.47
N GLU A 173 -5.68 0.19 -7.79
CA GLU A 173 -5.39 -1.23 -7.82
C GLU A 173 -5.70 -1.71 -9.22
N SER A 174 -4.89 -2.61 -9.77
CA SER A 174 -5.12 -3.07 -11.13
C SER A 174 -4.38 -4.35 -11.36
N GLU A 175 -4.98 -5.20 -12.18
CA GLU A 175 -4.32 -6.43 -12.58
C GLU A 175 -4.63 -6.66 -14.06
N LYS A 176 -3.62 -7.11 -14.80
CA LYS A 176 -3.72 -7.42 -16.20
C LYS A 176 -4.90 -8.36 -16.41
N ASP A 177 -5.74 -7.98 -17.38
CA ASP A 177 -6.93 -8.70 -17.82
C ASP A 177 -8.05 -8.74 -16.80
N LYS A 178 -7.87 -8.23 -15.58
CA LYS A 178 -8.93 -8.26 -14.59
C LYS A 178 -9.70 -6.94 -14.61
N GLY A 179 -8.98 -5.83 -14.55
CA GLY A 179 -9.54 -4.50 -14.51
C GLY A 179 -8.80 -3.61 -13.55
N THR A 180 -9.46 -2.50 -13.25
CA THR A 180 -8.85 -1.42 -12.50
C THR A 180 -9.85 -0.83 -11.52
N LYS A 181 -9.38 -0.55 -10.30
CA LYS A 181 -10.21 0.11 -9.29
C LYS A 181 -9.44 1.30 -8.75
N VAL A 182 -10.00 2.51 -8.92
CA VAL A 182 -9.41 3.74 -8.42
C VAL A 182 -10.24 4.18 -7.21
N THR A 183 -9.58 4.42 -6.08
CA THR A 183 -10.25 4.78 -4.85
C THR A 183 -9.84 6.18 -4.40
N ILE A 184 -10.82 7.06 -4.21
CA ILE A 184 -10.59 8.39 -3.68
C ILE A 184 -11.16 8.43 -2.27
N ARG A 185 -10.39 8.96 -1.31
CA ARG A 185 -10.87 9.18 0.06
C ARG A 185 -10.90 10.67 0.34
N LEU A 186 -12.02 11.16 0.85
CA LEU A 186 -12.17 12.57 1.19
C LEU A 186 -12.50 12.71 2.66
N PRO A 187 -12.03 13.77 3.32
CA PRO A 187 -12.41 14.02 4.71
C PRO A 187 -13.83 14.56 4.84
N LEU A 188 -14.34 14.68 6.07
CA LEU A 188 -15.67 15.23 6.34
C LEU A 188 -15.77 16.71 5.93
N THR A 189 -14.76 17.49 6.29
CA THR A 189 -14.68 18.91 5.99
C THR A 189 -13.26 19.17 5.45
N VAL B 5 23.99 -18.16 -0.41
CA VAL B 5 23.96 -19.24 0.62
C VAL B 5 22.59 -19.30 1.31
N PRO B 6 22.41 -20.33 2.14
CA PRO B 6 21.21 -20.38 3.00
C PRO B 6 21.21 -19.26 4.04
N ILE B 7 20.01 -18.71 4.27
CA ILE B 7 19.85 -17.61 5.18
C ILE B 7 20.03 -18.07 6.64
N SER B 8 20.05 -19.36 6.90
CA SER B 8 20.42 -19.90 8.20
C SER B 8 21.74 -19.33 8.73
N PHE B 9 22.68 -18.92 7.84
CA PHE B 9 23.92 -18.28 8.27
C PHE B 9 23.61 -17.10 9.20
N VAL B 10 22.57 -16.36 8.81
CA VAL B 10 22.12 -15.22 9.60
C VAL B 10 21.19 -15.66 10.74
N PHE B 11 20.19 -16.46 10.42
CA PHE B 11 19.12 -16.76 11.35
C PHE B 11 19.64 -17.52 12.56
N ASN B 12 20.70 -18.34 12.39
CA ASN B 12 21.15 -19.21 13.47
C ASN B 12 21.53 -18.49 14.75
N ARG B 13 21.99 -17.25 14.65
CA ARG B 13 22.45 -16.54 15.82
C ARG B 13 21.30 -15.91 16.57
N PHE B 14 20.08 -15.90 16.01
CA PHE B 14 19.05 -15.10 16.63
C PHE B 14 18.41 -15.75 17.85
N PRO B 15 18.16 -17.08 17.91
CA PRO B 15 17.43 -17.61 19.08
C PRO B 15 18.06 -17.24 20.41
N ARG B 16 19.41 -17.28 20.51
CA ARG B 16 20.07 -16.90 21.74
C ARG B 16 19.90 -15.41 22.04
N MET B 17 20.02 -14.58 21.01
CA MET B 17 19.86 -13.15 21.20
C MET B 17 18.43 -12.78 21.65
N VAL B 18 17.43 -13.39 21.02
CA VAL B 18 16.04 -13.12 21.33
C VAL B 18 15.77 -13.59 22.77
N ARG B 19 16.24 -14.79 23.09
CA ARG B 19 16.04 -15.36 24.41
C ARG B 19 16.65 -14.48 25.49
N ASP B 20 17.87 -13.99 25.26
CA ASP B 20 18.59 -13.18 26.23
C ASP B 20 17.84 -11.87 26.45
N LEU B 21 17.37 -11.25 25.35
CA LEU B 21 16.71 -9.97 25.52
C LEU B 21 15.34 -10.11 26.18
N ALA B 22 14.59 -11.13 25.79
CA ALA B 22 13.33 -11.38 26.43
C ALA B 22 13.45 -11.61 27.94
N LYS B 23 14.44 -12.44 28.33
CA LYS B 23 14.76 -12.72 29.72
CA LYS B 23 14.73 -12.73 29.73
C LYS B 23 15.10 -11.43 30.46
N LYS B 24 15.95 -10.58 29.86
CA LYS B 24 16.36 -9.33 30.47
C LYS B 24 15.16 -8.45 30.75
N MET B 25 14.12 -8.56 29.89
CA MET B 25 12.93 -7.75 30.04
C MET B 25 11.79 -8.51 30.71
N ASN B 26 12.09 -9.68 31.27
CA ASN B 26 11.12 -10.43 32.05
C ASN B 26 9.91 -10.79 31.19
N LYS B 27 10.10 -11.03 29.88
CA LYS B 27 9.01 -11.40 28.97
C LYS B 27 9.18 -12.82 28.47
N GLU B 28 8.03 -13.44 28.07
CA GLU B 28 7.97 -14.79 27.61
C GLU B 28 7.70 -14.68 26.12
N VAL B 29 8.68 -15.14 25.32
CA VAL B 29 8.61 -15.05 23.88
C VAL B 29 8.81 -16.43 23.27
N ASN B 30 7.83 -16.86 22.50
CA ASN B 30 7.95 -18.02 21.63
C ASN B 30 8.49 -17.54 20.28
N PHE B 31 9.75 -17.79 20.02
CA PHE B 31 10.44 -17.34 18.83
C PHE B 31 10.47 -18.47 17.81
N ILE B 32 9.84 -18.24 16.67
CA ILE B 32 9.69 -19.24 15.63
C ILE B 32 10.45 -18.75 14.41
N MET B 33 11.28 -19.60 13.82
CA MET B 33 12.01 -19.31 12.60
C MET B 33 11.49 -20.27 11.53
N ARG B 34 11.18 -19.72 10.36
CA ARG B 34 10.68 -20.53 9.24
C ARG B 34 11.52 -20.20 8.00
N GLY B 35 11.76 -21.19 7.17
CA GLY B 35 12.37 -20.97 5.87
C GLY B 35 13.87 -20.73 5.99
N GLU B 36 14.52 -21.28 7.03
CA GLU B 36 15.93 -20.96 7.25
C GLU B 36 16.82 -21.53 6.15
N ASP B 37 16.31 -22.48 5.34
CA ASP B 37 17.12 -23.05 4.26
C ASP B 37 17.04 -22.20 2.99
N THR B 38 16.17 -21.18 2.96
CA THR B 38 16.04 -20.31 1.82
C THR B 38 17.41 -19.74 1.39
N GLU B 39 17.78 -19.98 0.12
CA GLU B 39 19.07 -19.51 -0.38
C GLU B 39 18.93 -18.16 -1.06
N LEU B 40 19.96 -17.33 -0.91
CA LEU B 40 20.01 -16.06 -1.62
C LEU B 40 21.47 -15.66 -1.75
N ASP B 41 21.72 -14.64 -2.57
CA ASP B 41 23.05 -14.15 -2.83
C ASP B 41 23.80 -13.90 -1.52
N ARG B 42 25.08 -14.28 -1.52
CA ARG B 42 25.95 -14.15 -0.37
C ARG B 42 26.02 -12.72 0.14
N THR B 43 25.98 -11.74 -0.77
CA THR B 43 26.05 -10.35 -0.35
C THR B 43 24.88 -10.01 0.57
N PHE B 44 23.71 -10.50 0.23
CA PHE B 44 22.55 -10.23 1.03
C PHE B 44 22.68 -10.91 2.39
N VAL B 45 23.12 -12.17 2.41
CA VAL B 45 23.35 -12.89 3.63
C VAL B 45 24.31 -12.11 4.54
N GLU B 46 25.35 -11.53 3.95
CA GLU B 46 26.38 -10.84 4.70
C GLU B 46 25.95 -9.48 5.28
N GLU B 47 24.89 -8.85 4.74
CA GLU B 47 24.51 -7.50 5.15
C GLU B 47 23.12 -7.42 5.80
N ILE B 48 22.26 -8.43 5.66
CA ILE B 48 20.88 -8.33 6.15
C ILE B 48 20.76 -8.58 7.66
N GLY B 49 21.76 -9.17 8.29
CA GLY B 49 21.66 -9.54 9.69
C GLY B 49 21.48 -8.37 10.64
N GLU B 50 22.19 -7.30 10.42
CA GLU B 50 22.12 -6.12 11.27
C GLU B 50 20.72 -5.50 11.21
N PRO B 51 20.16 -5.22 10.01
CA PRO B 51 18.78 -4.73 9.94
C PRO B 51 17.77 -5.69 10.62
N LEU B 52 17.90 -7.01 10.38
CA LEU B 52 16.96 -7.94 11.00
C LEU B 52 17.08 -7.89 12.52
N LEU B 53 18.31 -7.77 13.06
CA LEU B 53 18.48 -7.70 14.50
C LEU B 53 17.70 -6.52 15.07
N HIS B 54 17.76 -5.38 14.39
CA HIS B 54 17.03 -4.20 14.86
C HIS B 54 15.54 -4.50 14.92
N LEU B 55 14.99 -5.13 13.89
CA LEU B 55 13.56 -5.42 13.83
C LEU B 55 13.16 -6.41 14.92
N LEU B 56 13.99 -7.42 15.19
CA LEU B 56 13.70 -8.37 16.24
C LEU B 56 13.72 -7.67 17.59
N ARG B 57 14.72 -6.83 17.84
CA ARG B 57 14.80 -6.06 19.08
CA ARG B 57 14.81 -6.05 19.06
C ARG B 57 13.58 -5.16 19.24
N ASN B 58 13.18 -4.48 18.17
CA ASN B 58 11.95 -3.68 18.21
C ASN B 58 10.76 -4.50 18.68
N ALA B 59 10.63 -5.69 18.13
CA ALA B 59 9.47 -6.51 18.43
C ALA B 59 9.48 -6.93 19.89
N ILE B 60 10.65 -7.28 20.45
CA ILE B 60 10.74 -7.70 21.83
C ILE B 60 10.54 -6.53 22.78
N ASP B 61 11.17 -5.40 22.49
CA ASP B 61 11.19 -4.25 23.39
C ASP B 61 9.86 -3.49 23.30
N HIS B 62 9.52 -3.04 22.10
CA HIS B 62 8.41 -2.14 21.89
C HIS B 62 7.09 -2.82 21.52
N GLY B 63 7.16 -4.07 21.06
CA GLY B 63 6.00 -4.80 20.60
C GLY B 63 5.39 -5.66 21.68
N ILE B 64 6.01 -6.81 21.91
CA ILE B 64 5.48 -7.78 22.87
C ILE B 64 5.45 -7.12 24.24
N GLU B 65 4.30 -7.23 24.88
CA GLU B 65 4.07 -6.60 26.18
C GLU B 65 4.55 -7.53 27.29
N PRO B 66 4.89 -6.97 28.44
CA PRO B 66 5.14 -7.76 29.65
C PRO B 66 3.97 -8.72 29.91
N LYS B 67 4.26 -9.86 30.51
CA LYS B 67 3.27 -10.87 30.78
C LYS B 67 2.06 -10.28 31.52
N GLU B 68 2.34 -9.48 32.57
CA GLU B 68 1.26 -8.90 33.36
C GLU B 68 0.33 -8.05 32.51
N GLU B 69 0.89 -7.34 31.51
CA GLU B 69 0.10 -6.49 30.64
C GLU B 69 -0.70 -7.33 29.65
N ARG B 70 -0.06 -8.36 29.10
CA ARG B 70 -0.78 -9.27 28.21
C ARG B 70 -1.99 -9.88 28.93
N ILE B 71 -1.79 -10.36 30.15
CA ILE B 71 -2.89 -10.93 30.91
C ILE B 71 -3.97 -9.86 31.12
N ALA B 72 -3.55 -8.65 31.50
CA ALA B 72 -4.51 -7.58 31.75
C ALA B 72 -5.35 -7.23 30.52
N LYS B 73 -4.77 -7.40 29.33
CA LYS B 73 -5.37 -7.10 28.05
C LYS B 73 -6.07 -8.34 27.47
N GLY B 74 -6.09 -9.46 28.21
CA GLY B 74 -6.81 -10.63 27.73
C GLY B 74 -6.10 -11.37 26.60
N LYS B 75 -4.79 -11.22 26.49
CA LYS B 75 -3.98 -11.88 25.47
C LYS B 75 -3.30 -13.12 26.07
N PRO B 76 -2.82 -14.03 25.22
CA PRO B 76 -2.03 -15.17 25.69
C PRO B 76 -0.83 -14.65 26.47
N PRO B 77 -0.46 -15.22 27.62
CA PRO B 77 0.67 -14.66 28.36
C PRO B 77 1.99 -14.70 27.58
N ILE B 78 2.16 -15.73 26.75
CA ILE B 78 3.35 -15.91 25.93
C ILE B 78 3.18 -15.13 24.62
N GLY B 79 4.08 -14.19 24.32
CA GLY B 79 4.08 -13.52 23.02
C GLY B 79 4.70 -14.41 21.95
N THR B 80 4.39 -14.11 20.71
CA THR B 80 4.93 -14.85 19.59
C THR B 80 5.69 -13.92 18.67
N LEU B 81 6.89 -14.32 18.28
CA LEU B 81 7.73 -13.60 17.34
C LEU B 81 8.14 -14.56 16.25
N ILE B 82 7.81 -14.27 15.00
CA ILE B 82 8.06 -15.15 13.87
C ILE B 82 9.01 -14.46 12.91
N LEU B 83 10.11 -15.12 12.58
CA LEU B 83 11.03 -14.66 11.57
C LEU B 83 10.97 -15.67 10.43
N SER B 84 10.64 -15.24 9.22
CA SER B 84 10.46 -16.16 8.12
C SER B 84 11.18 -15.67 6.87
N ALA B 85 11.63 -16.60 6.04
CA ALA B 85 12.11 -16.33 4.68
C ALA B 85 11.40 -17.27 3.73
N ARG B 86 11.17 -16.80 2.50
CA ARG B 86 10.59 -17.62 1.49
C ARG B 86 10.93 -17.03 0.14
N HIS B 87 10.84 -17.89 -0.89
CA HIS B 87 10.89 -17.44 -2.26
C HIS B 87 9.50 -16.95 -2.71
N GLU B 88 9.45 -15.84 -3.44
CA GLU B 88 8.24 -15.39 -4.12
C GLU B 88 8.71 -14.98 -5.51
N GLY B 89 8.55 -15.90 -6.47
CA GLY B 89 9.10 -15.70 -7.79
C GLY B 89 10.60 -15.47 -7.73
N ASN B 90 11.02 -14.31 -8.24
CA ASN B 90 12.43 -14.00 -8.32
C ASN B 90 12.86 -13.17 -7.12
N ASN B 91 11.94 -12.92 -6.16
CA ASN B 91 12.27 -12.20 -4.92
C ASN B 91 12.45 -13.23 -3.79
N VAL B 92 13.20 -12.84 -2.74
CA VAL B 92 13.14 -13.47 -1.43
C VAL B 92 12.42 -12.50 -0.51
N VAL B 93 11.47 -13.01 0.24
CA VAL B 93 10.68 -12.23 1.17
C VAL B 93 11.03 -12.67 2.60
N ILE B 94 11.38 -11.68 3.44
CA ILE B 94 11.73 -11.95 4.82
C ILE B 94 10.75 -11.17 5.68
N GLU B 95 10.15 -11.80 6.65
CA GLU B 95 9.12 -11.19 7.45
C GLU B 95 9.49 -11.32 8.92
N VAL B 96 9.21 -10.24 9.68
CA VAL B 96 9.32 -10.24 11.12
C VAL B 96 7.95 -9.89 11.67
N GLU B 97 7.32 -10.81 12.38
CA GLU B 97 5.94 -10.62 12.83
C GLU B 97 5.84 -10.87 14.32
N ASP B 98 5.15 -10.01 15.03
CA ASP B 98 4.91 -10.18 16.45
C ASP B 98 3.42 -10.01 16.71
N ASP B 99 2.95 -10.53 17.84
CA ASP B 99 1.58 -10.32 18.29
C ASP B 99 1.50 -9.38 19.49
N GLY B 100 2.33 -8.35 19.46
CA GLY B 100 2.40 -7.36 20.51
C GLY B 100 1.40 -6.23 20.39
N ARG B 101 1.81 -5.06 20.92
CA ARG B 101 0.89 -3.96 21.11
C ARG B 101 0.62 -3.17 19.83
N GLY B 102 1.41 -3.38 18.79
CA GLY B 102 1.31 -2.60 17.57
C GLY B 102 1.95 -1.22 17.65
N ILE B 103 2.13 -0.63 16.50
CA ILE B 103 2.64 0.72 16.36
C ILE B 103 1.47 1.67 16.53
N ASP B 104 1.70 2.72 17.28
CA ASP B 104 0.69 3.74 17.56
C ASP B 104 0.64 4.74 16.41
N LYS B 105 -0.26 4.52 15.45
CA LYS B 105 -0.37 5.37 14.27
C LYS B 105 -0.77 6.81 14.60
N GLU B 106 -1.60 6.97 15.62
CA GLU B 106 -1.97 8.33 15.99
C GLU B 106 -0.79 9.09 16.56
N LYS B 107 0.03 8.41 17.34
CA LYS B 107 1.25 9.01 17.84
C LYS B 107 2.13 9.45 16.67
N ILE B 108 2.24 8.62 15.64
CA ILE B 108 3.04 8.97 14.48
C ILE B 108 2.51 10.26 13.85
N ILE B 109 1.22 10.30 13.60
CA ILE B 109 0.63 11.48 12.99
C ILE B 109 0.90 12.73 13.83
N ARG B 110 0.67 12.63 15.14
CA ARG B 110 0.89 13.76 16.03
C ARG B 110 2.35 14.26 15.93
N LYS B 111 3.31 13.33 15.92
CA LYS B 111 4.72 13.72 15.83
C LYS B 111 5.01 14.34 14.46
N ALA B 112 4.43 13.78 13.38
CA ALA B 112 4.67 14.33 12.06
C ALA B 112 4.17 15.77 11.97
N ILE B 113 3.00 16.04 12.56
CA ILE B 113 2.48 17.40 12.60
C ILE B 113 3.43 18.30 13.41
N GLU B 114 3.84 17.85 14.59
CA GLU B 114 4.72 18.65 15.42
C GLU B 114 6.00 19.01 14.67
N LYS B 115 6.55 18.05 13.93
CA LYS B 115 7.82 18.23 13.26
C LYS B 115 7.66 18.99 11.94
N GLY B 116 6.43 19.32 11.53
CA GLY B 116 6.19 20.07 10.30
C GLY B 116 6.30 19.22 9.04
N LEU B 117 6.19 17.90 9.19
CA LEU B 117 6.29 17.02 8.04
C LEU B 117 4.97 16.94 7.30
N ILE B 118 3.85 17.19 7.98
CA ILE B 118 2.53 17.20 7.39
C ILE B 118 1.70 18.23 8.11
N ASP B 119 0.74 18.78 7.37
CA ASP B 119 -0.28 19.63 7.93
C ASP B 119 -1.41 18.77 8.48
N GLU B 120 -2.03 19.22 9.56
CA GLU B 120 -3.16 18.53 10.18
C GLU B 120 -4.25 18.26 9.16
N SER B 121 -4.47 19.19 8.23
CA SER B 121 -5.58 19.06 7.29
C SER B 121 -5.43 17.83 6.41
N LYS B 122 -4.22 17.28 6.30
CA LYS B 122 -3.97 16.13 5.44
C LYS B 122 -4.01 14.81 6.20
N ALA B 123 -4.14 14.84 7.52
CA ALA B 123 -4.01 13.64 8.34
C ALA B 123 -5.16 12.66 8.14
N ALA B 124 -6.39 13.15 7.96
CA ALA B 124 -7.57 12.29 7.97
C ALA B 124 -7.57 11.30 6.82
N THR B 125 -6.92 11.62 5.68
CA THR B 125 -6.97 10.71 4.53
C THR B 125 -5.61 10.10 4.22
N LEU B 126 -4.64 10.26 5.10
CA LEU B 126 -3.30 9.73 4.88
C LEU B 126 -3.39 8.21 4.84
N SER B 127 -2.71 7.61 3.87
CA SER B 127 -2.69 6.16 3.77
C SER B 127 -1.93 5.54 4.93
N ASP B 128 -2.26 4.28 5.16
CA ASP B 128 -1.62 3.50 6.19
C ASP B 128 -0.10 3.38 5.99
N GLN B 129 0.29 3.13 4.73
CA GLN B 129 1.68 3.04 4.36
C GLN B 129 2.38 4.38 4.58
N GLU B 130 1.74 5.48 4.18
CA GLU B 130 2.36 6.79 4.33
C GLU B 130 2.59 7.07 5.82
N ILE B 131 1.65 6.68 6.69
CA ILE B 131 1.83 6.88 8.13
C ILE B 131 3.03 6.10 8.66
N LEU B 132 3.03 4.80 8.40
CA LEU B 132 4.05 3.93 8.96
C LEU B 132 5.42 4.26 8.41
N ASN B 133 5.48 4.78 7.18
CA ASN B 133 6.76 5.10 6.57
C ASN B 133 7.45 6.29 7.23
N PHE B 134 6.72 7.06 8.04
CA PHE B 134 7.41 8.09 8.80
C PHE B 134 8.48 7.49 9.73
N LEU B 135 8.29 6.24 10.16
CA LEU B 135 9.27 5.63 11.05
C LEU B 135 10.66 5.54 10.41
N PHE B 136 10.74 5.57 9.08
CA PHE B 136 12.03 5.49 8.40
C PHE B 136 12.69 6.86 8.23
N VAL B 137 12.02 7.95 8.60
CA VAL B 137 12.58 9.28 8.47
C VAL B 137 13.68 9.46 9.50
N PRO B 138 14.88 9.92 9.11
CA PRO B 138 15.93 10.14 10.09
C PRO B 138 15.51 11.03 11.25
N GLY B 139 15.80 10.58 12.45
CA GLY B 139 15.51 11.31 13.67
C GLY B 139 14.05 11.28 14.10
N PHE B 140 13.19 10.51 13.43
CA PHE B 140 11.76 10.53 13.74
C PHE B 140 11.51 9.87 15.08
N SER B 141 12.08 8.70 15.31
CA SER B 141 11.86 7.94 16.54
C SER B 141 12.27 8.73 17.79
N VAL B 154 21.60 0.25 15.27
CA VAL B 154 21.15 1.11 14.12
C VAL B 154 19.70 1.52 14.26
N GLY B 155 19.34 2.61 13.58
CA GLY B 155 18.00 3.15 13.62
C GLY B 155 17.15 2.65 12.45
N MET B 156 15.83 2.80 12.54
CA MET B 156 14.91 2.36 11.48
C MET B 156 15.28 2.96 10.13
N ASP B 157 15.78 4.22 10.15
CA ASP B 157 16.19 4.83 8.91
C ASP B 157 17.28 3.99 8.25
N VAL B 158 18.24 3.50 9.06
CA VAL B 158 19.34 2.71 8.54
C VAL B 158 18.87 1.36 8.05
N VAL B 159 17.84 0.78 8.69
CA VAL B 159 17.25 -0.45 8.21
C VAL B 159 16.80 -0.25 6.76
N LYS B 160 16.03 0.80 6.50
CA LYS B 160 15.60 1.05 5.14
C LYS B 160 16.78 1.35 4.22
N ASN B 161 17.77 2.11 4.66
CA ASN B 161 18.86 2.47 3.79
C ASN B 161 19.63 1.23 3.36
N VAL B 162 19.88 0.31 4.29
CA VAL B 162 20.57 -0.92 3.92
C VAL B 162 19.73 -1.71 2.93
N VAL B 163 18.44 -1.91 3.24
CA VAL B 163 17.60 -2.68 2.34
C VAL B 163 17.64 -2.09 0.93
N GLU B 164 17.50 -0.77 0.84
CA GLU B 164 17.47 -0.14 -0.48
C GLU B 164 18.83 -0.23 -1.18
N SER B 165 19.93 -0.22 -0.45
CA SER B 165 21.26 -0.38 -1.04
C SER B 165 21.42 -1.76 -1.66
N LEU B 166 20.65 -2.73 -1.18
CA LEU B 166 20.59 -4.10 -1.72
C LEU B 166 19.50 -4.26 -2.76
N ASN B 167 18.96 -3.14 -3.23
CA ASN B 167 17.92 -3.12 -4.26
C ASN B 167 16.66 -3.81 -3.78
N GLY B 168 16.44 -3.73 -2.47
CA GLY B 168 15.25 -4.27 -1.87
C GLY B 168 14.22 -3.22 -1.51
N SER B 169 13.13 -3.71 -0.93
CA SER B 169 12.08 -2.84 -0.43
C SER B 169 11.64 -3.30 0.95
N ILE B 170 11.08 -2.38 1.74
CA ILE B 170 10.60 -2.70 3.06
C ILE B 170 9.26 -2.01 3.27
N SER B 171 8.38 -2.71 3.99
CA SER B 171 7.10 -2.16 4.37
C SER B 171 6.68 -2.69 5.72
N ILE B 172 5.82 -1.94 6.39
CA ILE B 172 5.28 -2.26 7.70
C ILE B 172 3.77 -2.35 7.62
N GLU B 173 3.21 -3.32 8.34
CA GLU B 173 1.78 -3.35 8.62
C GLU B 173 1.62 -3.54 10.13
N SER B 174 0.63 -2.90 10.72
CA SER B 174 0.45 -2.97 12.16
C SER B 174 -0.99 -2.69 12.51
N GLU B 175 -1.47 -3.32 13.58
CA GLU B 175 -2.82 -3.10 14.07
C GLU B 175 -2.76 -2.99 15.61
N LYS B 176 -3.38 -1.94 16.16
CA LYS B 176 -3.36 -1.70 17.60
C LYS B 176 -3.79 -2.92 18.36
N ASP B 177 -2.96 -3.29 19.35
CA ASP B 177 -3.19 -4.41 20.26
C ASP B 177 -3.09 -5.77 19.59
N LYS B 178 -2.86 -5.80 18.26
CA LYS B 178 -2.80 -7.07 17.56
C LYS B 178 -1.35 -7.43 17.26
N GLY B 179 -0.58 -6.50 16.74
CA GLY B 179 0.83 -6.70 16.46
C GLY B 179 1.30 -6.03 15.19
N THR B 180 2.50 -6.42 14.77
CA THR B 180 3.23 -5.74 13.72
C THR B 180 3.93 -6.77 12.83
N LYS B 181 3.91 -6.52 11.52
CA LYS B 181 4.64 -7.36 10.56
C LYS B 181 5.47 -6.43 9.68
N VAL B 182 6.78 -6.65 9.66
CA VAL B 182 7.70 -5.95 8.78
C VAL B 182 8.15 -6.87 7.69
N THR B 183 7.99 -6.45 6.42
CA THR B 183 8.30 -7.28 5.26
C THR B 183 9.42 -6.67 4.45
N ILE B 184 10.49 -7.45 4.21
CA ILE B 184 11.59 -7.05 3.36
C ILE B 184 11.55 -7.94 2.12
N ARG B 185 11.69 -7.32 0.94
CA ARG B 185 11.82 -8.05 -0.30
C ARG B 185 13.18 -7.77 -0.92
N LEU B 186 13.89 -8.84 -1.30
CA LEU B 186 15.20 -8.70 -1.90
C LEU B 186 15.17 -9.40 -3.26
N PRO B 187 15.96 -8.96 -4.23
CA PRO B 187 16.05 -9.66 -5.50
C PRO B 187 16.91 -10.93 -5.42
N LEU B 188 16.91 -11.69 -6.54
CA LEU B 188 17.71 -12.89 -6.74
C LEU B 188 19.21 -12.63 -6.62
N THR B 189 19.70 -11.60 -7.30
CA THR B 189 21.13 -11.29 -7.36
C THR B 189 21.31 -9.78 -7.23
#